data_7UR0
#
_entry.id   7UR0
#
_cell.length_a   74.407
_cell.length_b   127.493
_cell.length_c   135.478
_cell.angle_alpha   90.000
_cell.angle_beta   90.000
_cell.angle_gamma   90.000
#
_symmetry.space_group_name_H-M   'I 2 2 2'
#
loop_
_entity.id
_entity.type
_entity.pdbx_description
1 polymer "DNA (5'-D(*AP*AP*CP*CP*TP*GP*TP*GP*AP*CP*AP*AP*AP*TP*TP*GP*CP*CP*CP*TP*CP*A)-3')"
2 polymer "DNA (5'-D(A*TP*CP*TP*GP*AP*GP*GP*GP*CP*AP*AP*TP*TP*TP*GP*TP*CP*AP*CP*AP*G)-3')"
3 polymer 'Replication initiation protein'
4 polymer "DNA (5'-D(A*GP*AP*CP*GP*GP*TP*AP*AP*TP*T)-3')"
5 polymer "DNA (5'-D(A*GP*TP*AP*AP*TP*TP*AP*CP*CP*G)-3')"
6 non-polymer 'MAGNESIUM ION'
7 water water
#
loop_
_entity_poly.entity_id
_entity_poly.type
_entity_poly.pdbx_seq_one_letter_code
_entity_poly.pdbx_strand_id
1 'polydeoxyribonucleotide'
;(DA)(DA)(DC)(DC)(DT)(DG)(DT)(DG)(DA)(DC)(DA)(DA)(DA)(DT)(DT)(DG)(DC)(DC)(DC)(DT)
(DC)(DA)
;
A
2 'polydeoxyribonucleotide'
;(DA)(DT)(DC)(DT)(DG)(DA)(DG)(DG)(DG)(DC)(DA)(DA)(DT)(DT)(DT)(DG)(DT)(DC)(DA)(DC)
(DA)(DG)
;
B
3 'polypeptide(L)'
;MRGSHHHHHHGSMAETAVINHKKRKNSPRIVQSNDLTEAAYSLSRDQKRMLYLFVDQIRKSDGTLQEHDGICEIHVAKYA
EIFGLTSAEASKDIRQALKSFAGKEVVFYRPEEDAGDEKGYESFPWFIKPAHSPSRGLYSVHINPYLIPFFIGLQNRFTQ
FRLSETKEITNPYAMRLYESLCQYRKPDGSGIVSLKIDWIIERYQLPQSYQRMPDFRRRFLQVCVNEINSRTPMRLSYIE
KKKGRQTTHIVFSFRDITSMTTG
;
C
4 'polydeoxyribonucleotide' (DA)(DG)(DA)(DC)(DG)(DG)(DT)(DA)(DA)(DT)(DT) E
5 'polydeoxyribonucleotide' (DA)(DG)(DT)(DA)(DA)(DT)(DT)(DA)(DC)(DC)(DG) F
#
# COMPACT_ATOMS: atom_id res chain seq x y z
N ASN C 26 21.26 0.38 -0.60
CA ASN C 26 20.10 0.40 -1.48
C ASN C 26 18.97 -0.26 -0.71
N SER C 27 17.81 0.39 -0.70
CA SER C 27 16.77 0.02 0.24
C SER C 27 16.13 -1.32 -0.13
N PRO C 28 15.40 -1.94 0.81
CA PRO C 28 14.87 -3.30 0.61
C PRO C 28 13.97 -3.36 -0.61
N ARG C 29 14.14 -4.41 -1.41
CA ARG C 29 13.34 -4.58 -2.62
C ARG C 29 12.11 -5.41 -2.25
N ILE C 30 10.98 -4.71 -2.16
CA ILE C 30 9.66 -5.29 -1.93
C ILE C 30 9.17 -5.95 -3.21
N VAL C 31 8.66 -7.17 -3.10
CA VAL C 31 7.92 -7.80 -4.19
C VAL C 31 6.63 -8.36 -3.59
N GLN C 32 5.57 -8.36 -4.39
CA GLN C 32 4.28 -8.85 -3.95
C GLN C 32 3.47 -9.31 -5.16
N SER C 33 2.62 -10.32 -4.94
CA SER C 33 1.68 -10.74 -5.96
C SER C 33 0.76 -9.59 -6.37
N ASN C 34 0.48 -9.52 -7.68
CA ASN C 34 -0.48 -8.53 -8.17
C ASN C 34 -1.82 -8.64 -7.45
N ASP C 35 -2.15 -9.83 -6.95
CA ASP C 35 -3.42 -10.02 -6.26
C ASP C 35 -3.51 -9.18 -4.99
N LEU C 36 -2.38 -8.89 -4.34
CA LEU C 36 -2.41 -8.00 -3.19
C LEU C 36 -2.48 -6.55 -3.63
N THR C 37 -1.76 -6.20 -4.70
CA THR C 37 -1.81 -4.84 -5.23
C THR C 37 -3.25 -4.45 -5.57
N GLU C 38 -4.04 -5.41 -6.03
CA GLU C 38 -5.40 -5.19 -6.50
C GLU C 38 -6.44 -5.66 -5.48
N ALA C 39 -6.02 -5.97 -4.25
CA ALA C 39 -6.98 -6.40 -3.24
C ALA C 39 -7.75 -5.20 -2.72
N ALA C 40 -8.92 -5.49 -2.12
CA ALA C 40 -9.73 -4.47 -1.48
C ALA C 40 -9.46 -4.48 0.02
N TYR C 41 -8.99 -3.35 0.55
CA TYR C 41 -8.72 -3.20 1.97
C TYR C 41 -8.54 -1.72 2.27
N SER C 42 -8.57 -1.39 3.56
CA SER C 42 -8.38 -0.02 4.05
C SER C 42 -7.30 -0.03 5.14
N LEU C 43 -6.10 0.44 4.82
CA LEU C 43 -5.04 0.54 5.80
C LEU C 43 -4.47 1.95 5.83
N SER C 44 -4.01 2.36 7.00
CA SER C 44 -3.34 3.63 7.19
C SER C 44 -1.90 3.57 6.66
N ARG C 45 -1.27 4.75 6.60
CA ARG C 45 0.14 4.82 6.22
C ARG C 45 1.00 3.95 7.14
N ASP C 46 0.87 4.14 8.45
CA ASP C 46 1.69 3.39 9.41
C ASP C 46 1.49 1.88 9.26
N GLN C 47 0.24 1.46 9.04
CA GLN C 47 -0.05 0.04 8.87
C GLN C 47 0.58 -0.50 7.60
N LYS C 48 0.50 0.25 6.50
CA LYS C 48 1.11 -0.19 5.25
C LYS C 48 2.64 -0.26 5.38
N ARG C 49 3.21 0.69 6.14
CA ARG C 49 4.65 0.68 6.38
C ARG C 49 5.07 -0.60 7.09
N MET C 50 4.39 -0.93 8.18
CA MET C 50 4.62 -2.20 8.85
C MET C 50 4.41 -3.41 7.92
N LEU C 51 3.35 -3.35 7.10
CA LEU C 51 3.02 -4.45 6.21
C LEU C 51 4.14 -4.75 5.22
N TYR C 52 4.87 -3.71 4.79
CA TYR C 52 5.96 -3.95 3.85
C TYR C 52 7.05 -4.79 4.50
N LEU C 53 7.31 -4.57 5.79
CA LEU C 53 8.35 -5.32 6.47
C LEU C 53 7.89 -6.74 6.71
N PHE C 54 6.60 -6.92 7.03
CA PHE C 54 6.07 -8.28 7.16
C PHE C 54 6.25 -9.07 5.86
N VAL C 55 5.86 -8.47 4.73
CA VAL C 55 6.03 -9.11 3.42
C VAL C 55 7.49 -9.46 3.15
N ASP C 56 8.41 -8.58 3.58
CA ASP C 56 9.83 -8.88 3.40
C ASP C 56 10.25 -10.07 4.25
N GLN C 57 9.78 -10.14 5.49
CA GLN C 57 10.16 -11.23 6.38
C GLN C 57 9.64 -12.56 5.83
N ILE C 58 8.33 -12.61 5.56
CA ILE C 58 7.68 -13.79 4.99
C ILE C 58 8.42 -14.31 3.76
N ARG C 59 8.72 -13.41 2.81
CA ARG C 59 9.28 -13.83 1.53
C ARG C 59 10.65 -14.50 1.67
N LYS C 60 11.44 -14.12 2.68
CA LYS C 60 12.77 -14.69 2.87
C LYS C 60 12.65 -15.99 3.67
N SER C 61 12.24 -17.04 2.96
CA SER C 61 12.10 -18.38 3.53
C SER C 61 12.03 -19.43 2.43
N HIS C 68 7.66 -22.40 6.27
CA HIS C 68 7.56 -21.32 7.23
C HIS C 68 6.19 -21.30 7.89
N ASP C 69 6.02 -20.39 8.87
CA ASP C 69 4.89 -20.44 9.79
C ASP C 69 4.08 -19.16 9.93
N GLY C 70 4.61 -17.99 9.55
CA GLY C 70 3.83 -16.76 9.59
C GLY C 70 3.98 -15.86 10.80
N ILE C 71 4.83 -16.20 11.76
CA ILE C 71 5.02 -15.38 12.96
C ILE C 71 6.11 -14.35 12.67
N CYS C 72 5.75 -13.07 12.75
CA CYS C 72 6.71 -12.01 12.47
C CYS C 72 6.99 -11.15 13.71
N GLU C 73 7.94 -10.23 13.55
CA GLU C 73 8.45 -9.41 14.64
C GLU C 73 8.86 -8.03 14.12
N ILE C 74 8.70 -7.02 14.97
CA ILE C 74 9.07 -5.64 14.66
C ILE C 74 9.84 -5.03 15.82
N HIS C 75 10.99 -4.42 15.52
CA HIS C 75 11.80 -3.71 16.51
C HIS C 75 11.53 -2.21 16.37
N VAL C 76 11.20 -1.57 17.49
CA VAL C 76 10.94 -0.13 17.49
C VAL C 76 12.10 0.65 16.87
N ALA C 77 13.32 0.44 17.38
CA ALA C 77 14.46 1.27 16.97
C ALA C 77 14.83 1.09 15.50
N LYS C 78 14.65 -0.11 14.95
CA LYS C 78 14.93 -0.28 13.52
C LYS C 78 13.88 0.45 12.70
N TYR C 79 12.61 0.31 13.08
CA TYR C 79 11.56 1.06 12.41
C TYR C 79 11.87 2.54 12.42
N ALA C 80 12.30 3.05 13.58
CA ALA C 80 12.63 4.47 13.71
C ALA C 80 13.74 4.87 12.74
N GLU C 81 14.79 4.04 12.65
CA GLU C 81 15.90 4.39 11.75
C GLU C 81 15.47 4.31 10.29
N ILE C 82 14.64 3.32 9.94
CA ILE C 82 14.20 3.13 8.55
C ILE C 82 13.43 4.34 8.04
N PHE C 83 12.48 4.83 8.84
CA PHE C 83 11.58 5.89 8.39
C PHE C 83 11.93 7.25 8.98
N GLY C 84 13.14 7.41 9.48
CA GLY C 84 13.59 8.66 10.07
C GLY C 84 12.63 9.19 11.12
N LEU C 85 12.24 8.32 12.04
CA LEU C 85 11.39 8.71 13.15
C LEU C 85 12.20 8.62 14.44
N THR C 86 11.70 9.29 15.48
CA THR C 86 12.25 9.07 16.81
C THR C 86 11.79 7.73 17.34
N SER C 87 12.48 7.25 18.38
CA SER C 87 12.06 6.01 19.03
C SER C 87 10.66 6.17 19.63
N ALA C 88 10.41 7.30 20.28
CA ALA C 88 9.09 7.57 20.85
C ALA C 88 8.00 7.54 19.79
N GLU C 89 8.15 8.34 18.73
CA GLU C 89 7.12 8.42 17.71
C GLU C 89 6.99 7.12 16.93
N ALA C 90 8.11 6.42 16.72
CA ALA C 90 8.05 5.06 16.19
C ALA C 90 7.16 4.18 17.06
N SER C 91 7.46 4.13 18.35
CA SER C 91 6.64 3.37 19.30
C SER C 91 5.17 3.72 19.20
N LYS C 92 4.86 5.02 19.15
CA LYS C 92 3.46 5.43 19.02
C LYS C 92 2.84 4.90 17.72
N ASP C 93 3.58 4.97 16.62
CA ASP C 93 3.01 4.54 15.35
C ASP C 93 2.77 3.03 15.33
N ILE C 94 3.78 2.25 15.72
CA ILE C 94 3.60 0.79 15.79
C ILE C 94 2.43 0.44 16.71
N ARG C 95 2.41 0.97 17.92
CA ARG C 95 1.37 0.58 18.87
C ARG C 95 -0.01 0.87 18.31
N GLN C 96 -0.22 2.07 17.75
CA GLN C 96 -1.57 2.40 17.33
C GLN C 96 -1.96 1.68 16.04
N ALA C 97 -1.07 1.58 15.06
CA ALA C 97 -1.32 0.72 13.89
C ALA C 97 -1.75 -0.67 14.33
N LEU C 98 -1.00 -1.24 15.28
CA LEU C 98 -1.19 -2.64 15.67
C LEU C 98 -2.56 -2.82 16.30
N LYS C 99 -2.97 -1.89 17.17
CA LYS C 99 -4.30 -2.04 17.74
C LYS C 99 -5.38 -1.67 16.73
N SER C 100 -5.02 -0.97 15.66
CA SER C 100 -6.00 -0.64 14.62
C SER C 100 -6.13 -1.74 13.56
N PHE C 101 -5.34 -2.81 13.65
CA PHE C 101 -5.54 -3.91 12.71
C PHE C 101 -6.76 -4.76 13.04
N ALA C 102 -7.15 -4.80 14.32
CA ALA C 102 -8.25 -5.66 14.75
C ALA C 102 -9.52 -5.42 13.95
N GLY C 103 -10.10 -6.50 13.42
CA GLY C 103 -11.30 -6.40 12.62
C GLY C 103 -11.09 -6.02 11.17
N LYS C 104 -9.89 -5.55 10.80
CA LYS C 104 -9.62 -5.22 9.41
C LYS C 104 -9.60 -6.48 8.55
N GLU C 105 -10.07 -6.35 7.31
CA GLU C 105 -10.23 -7.48 6.42
C GLU C 105 -9.70 -7.14 5.04
N VAL C 106 -9.39 -8.18 4.29
CA VAL C 106 -8.74 -8.07 2.98
C VAL C 106 -9.59 -8.86 2.01
N VAL C 107 -9.84 -8.31 0.82
CA VAL C 107 -10.68 -8.98 -0.15
C VAL C 107 -9.88 -9.15 -1.44
N PHE C 108 -9.81 -10.40 -1.91
CA PHE C 108 -9.23 -10.72 -3.20
C PHE C 108 -10.37 -11.13 -4.12
N TYR C 109 -10.52 -10.43 -5.24
CA TYR C 109 -11.69 -10.61 -6.09
C TYR C 109 -11.45 -11.68 -7.16
N TYR C 121 -13.71 -12.97 -5.03
CA TYR C 121 -14.35 -12.33 -3.89
C TYR C 121 -14.20 -13.21 -2.64
N GLU C 122 -13.08 -13.02 -1.93
CA GLU C 122 -12.74 -13.79 -0.74
C GLU C 122 -12.12 -12.85 0.29
N SER C 123 -12.68 -12.86 1.49
CA SER C 123 -12.28 -11.97 2.57
C SER C 123 -11.56 -12.73 3.68
N PHE C 124 -10.49 -12.12 4.21
CA PHE C 124 -9.66 -12.70 5.26
C PHE C 124 -9.32 -11.64 6.30
N PRO C 125 -9.15 -12.03 7.56
CA PRO C 125 -8.57 -11.13 8.55
C PRO C 125 -7.05 -11.11 8.46
N TRP C 126 -6.48 -9.93 8.73
CA TRP C 126 -5.02 -9.81 8.72
C TRP C 126 -4.39 -10.61 9.86
N PHE C 127 -4.88 -10.43 11.07
CA PHE C 127 -4.33 -11.05 12.28
C PHE C 127 -5.25 -12.12 12.85
N ILE C 128 -4.68 -13.19 13.39
CA ILE C 128 -5.46 -14.24 14.03
C ILE C 128 -5.16 -14.33 15.53
N LYS C 129 -4.36 -13.39 16.03
CA LYS C 129 -4.04 -13.25 17.45
C LYS C 129 -3.62 -11.81 17.67
N PRO C 130 -3.93 -11.23 18.84
CA PRO C 130 -3.47 -9.87 19.11
C PRO C 130 -1.94 -9.81 19.09
N ALA C 131 -1.42 -8.64 18.74
CA ALA C 131 0.00 -8.45 18.89
C ALA C 131 0.38 -8.45 20.37
N HIS C 132 1.65 -8.72 20.64
CA HIS C 132 2.13 -8.72 22.02
C HIS C 132 3.64 -8.54 22.03
N SER C 133 4.13 -8.03 23.16
CA SER C 133 5.53 -7.69 23.35
C SER C 133 6.24 -8.60 24.33
N PRO C 134 7.10 -9.52 23.88
CA PRO C 134 7.88 -10.29 24.86
C PRO C 134 8.91 -9.41 25.55
N SER C 135 9.56 -8.52 24.81
CA SER C 135 10.60 -7.66 25.34
C SER C 135 10.25 -6.21 25.05
N ARG C 136 10.81 -5.31 25.87
CA ARG C 136 10.62 -3.88 25.66
C ARG C 136 11.22 -3.44 24.33
N GLY C 137 10.41 -2.77 23.51
CA GLY C 137 10.85 -2.32 22.21
C GLY C 137 10.69 -3.33 21.10
N LEU C 138 9.91 -4.38 21.33
CA LEU C 138 9.81 -5.52 20.44
C LEU C 138 8.35 -5.94 20.40
N TYR C 139 7.82 -6.15 19.20
CA TYR C 139 6.45 -6.62 19.07
C TYR C 139 6.45 -7.90 18.24
N SER C 140 5.60 -8.84 18.63
CA SER C 140 5.42 -10.09 17.93
C SER C 140 4.01 -10.20 17.40
N VAL C 141 3.87 -10.56 16.13
CA VAL C 141 2.59 -10.55 15.46
C VAL C 141 2.40 -11.88 14.75
N HIS C 142 1.13 -12.27 14.62
CA HIS C 142 0.73 -13.56 14.06
C HIS C 142 -0.10 -13.23 12.82
N ILE C 143 0.57 -13.14 11.66
CA ILE C 143 -0.14 -12.92 10.41
C ILE C 143 -0.89 -14.20 10.03
N ASN C 144 -2.10 -14.04 9.51
CA ASN C 144 -2.88 -15.15 9.00
C ASN C 144 -2.05 -15.97 8.02
N PRO C 145 -1.62 -17.17 8.41
CA PRO C 145 -0.81 -17.98 7.48
C PRO C 145 -1.51 -18.30 6.17
N TYR C 146 -2.85 -18.25 6.13
CA TYR C 146 -3.57 -18.43 4.89
C TYR C 146 -3.34 -17.29 3.91
N LEU C 147 -2.74 -16.18 4.38
CA LEU C 147 -2.40 -15.09 3.49
C LEU C 147 -1.08 -15.33 2.78
N ILE C 148 -0.23 -16.24 3.31
CA ILE C 148 1.10 -16.45 2.74
C ILE C 148 1.08 -16.64 1.22
N PRO C 149 0.29 -17.56 0.66
CA PRO C 149 0.36 -17.77 -0.80
C PRO C 149 -0.07 -16.56 -1.61
N PHE C 150 -0.89 -15.67 -1.05
CA PHE C 150 -1.21 -14.47 -1.80
C PHE C 150 -0.03 -13.51 -1.86
N PHE C 151 0.89 -13.59 -0.89
CA PHE C 151 2.06 -12.72 -0.92
C PHE C 151 3.13 -13.22 -1.88
N ILE C 152 3.39 -14.51 -1.87
CA ILE C 152 4.45 -15.07 -2.69
C ILE C 152 3.81 -16.05 -3.67
N GLY C 153 3.84 -15.68 -4.95
CA GLY C 153 3.28 -16.50 -6.02
C GLY C 153 4.25 -17.21 -6.97
N ARG C 157 3.64 -12.48 -12.89
CA ARG C 157 2.38 -11.94 -12.41
C ARG C 157 2.58 -11.28 -11.04
N PHE C 158 3.50 -10.32 -10.97
CA PHE C 158 3.93 -9.77 -9.70
C PHE C 158 4.31 -8.30 -9.85
N THR C 159 4.37 -7.62 -8.71
CA THR C 159 4.68 -6.20 -8.59
C THR C 159 5.91 -6.05 -7.71
N GLN C 160 6.79 -5.11 -8.05
CA GLN C 160 7.98 -4.95 -7.24
C GLN C 160 8.46 -3.51 -7.25
N PHE C 161 8.99 -3.09 -6.10
CA PHE C 161 9.47 -1.72 -5.92
C PHE C 161 10.37 -1.76 -4.69
N ARG C 162 11.37 -0.89 -4.68
CA ARG C 162 12.21 -0.75 -3.50
C ARG C 162 11.56 0.16 -2.47
N LEU C 163 11.83 -0.13 -1.19
CA LEU C 163 11.11 0.52 -0.10
C LEU C 163 11.38 2.03 -0.04
N SER C 164 12.57 2.47 -0.44
CA SER C 164 12.85 3.90 -0.49
C SER C 164 11.95 4.67 -1.45
N GLU C 165 11.35 3.99 -2.43
CA GLU C 165 10.45 4.68 -3.35
C GLU C 165 9.19 5.18 -2.65
N THR C 166 8.72 4.49 -1.61
CA THR C 166 7.43 4.82 -1.01
C THR C 166 7.52 5.33 0.41
N LYS C 167 8.69 5.31 1.03
CA LYS C 167 8.75 5.54 2.47
C LYS C 167 8.61 7.01 2.85
N GLU C 168 8.64 7.93 1.87
CA GLU C 168 8.36 9.34 2.17
C GLU C 168 6.93 9.72 1.84
N ILE C 169 6.16 8.84 1.17
CA ILE C 169 4.77 9.11 0.87
C ILE C 169 3.96 9.16 2.16
N THR C 170 3.04 10.11 2.24
CA THR C 170 2.19 10.30 3.41
C THR C 170 0.78 9.74 3.22
N ASN C 171 0.15 10.03 2.09
CA ASN C 171 -1.22 9.60 1.86
C ASN C 171 -1.29 8.12 1.52
N PRO C 172 -2.05 7.31 2.25
CA PRO C 172 -2.08 5.87 1.98
C PRO C 172 -2.67 5.53 0.62
N TYR C 173 -3.64 6.33 0.16
CA TYR C 173 -4.19 6.13 -1.17
C TYR C 173 -3.13 6.38 -2.23
N ALA C 174 -2.17 7.26 -1.95
CA ALA C 174 -1.08 7.48 -2.89
C ALA C 174 -0.11 6.30 -2.89
N MET C 175 0.09 5.65 -1.74
CA MET C 175 0.79 4.37 -1.73
C MET C 175 0.08 3.33 -2.58
N ARG C 176 -1.25 3.21 -2.44
N ARG C 176 -1.25 3.23 -2.44
CA ARG C 176 -2.02 2.30 -3.27
CA ARG C 176 -2.01 2.29 -3.27
C ARG C 176 -1.82 2.60 -4.75
C ARG C 176 -1.83 2.61 -4.75
N LEU C 177 -1.89 3.89 -5.11
CA LEU C 177 -1.74 4.29 -6.51
C LEU C 177 -0.35 3.98 -7.02
N TYR C 178 0.69 4.25 -6.21
CA TYR C 178 2.04 4.00 -6.65
C TYR C 178 2.30 2.50 -6.78
N GLU C 179 1.61 1.69 -5.97
CA GLU C 179 1.74 0.24 -6.09
C GLU C 179 1.10 -0.26 -7.37
N SER C 180 -0.12 0.20 -7.65
N SER C 180 -0.13 0.20 -7.65
CA SER C 180 -0.79 -0.22 -8.88
CA SER C 180 -0.80 -0.21 -8.88
C SER C 180 -0.06 0.25 -10.12
C SER C 180 -0.05 0.25 -10.11
N LEU C 181 0.62 1.40 -10.04
CA LEU C 181 1.43 1.84 -11.17
C LEU C 181 2.68 0.99 -11.30
N CYS C 182 3.30 0.63 -10.17
CA CYS C 182 4.47 -0.24 -10.21
C CYS C 182 4.14 -1.56 -10.89
N GLN C 183 2.92 -2.07 -10.63
CA GLN C 183 2.49 -3.33 -11.26
C GLN C 183 2.63 -3.33 -12.78
N TYR C 184 2.62 -2.17 -13.42
CA TYR C 184 2.72 -2.08 -14.87
C TYR C 184 4.04 -1.50 -15.35
N ARG C 185 4.99 -1.27 -14.45
CA ARG C 185 6.22 -0.59 -14.85
C ARG C 185 7.07 -1.51 -15.71
N LYS C 186 7.82 -0.90 -16.62
CA LYS C 186 8.74 -1.62 -17.47
C LYS C 186 10.15 -1.58 -16.86
N PRO C 187 11.04 -2.52 -17.27
CA PRO C 187 12.42 -2.51 -16.76
C PRO C 187 13.05 -1.11 -16.73
N ASP C 188 12.93 -0.39 -17.84
CA ASP C 188 13.55 0.92 -17.96
C ASP C 188 12.93 1.95 -17.02
N GLY C 189 11.65 1.82 -16.71
CA GLY C 189 11.10 2.62 -15.61
C GLY C 189 9.86 3.41 -15.97
N SER C 190 9.33 3.15 -17.16
CA SER C 190 8.17 3.86 -17.67
C SER C 190 6.98 2.92 -17.76
N GLY C 191 5.79 3.50 -17.95
CA GLY C 191 4.62 2.69 -18.18
C GLY C 191 3.40 3.55 -18.47
N ILE C 192 2.33 2.87 -18.85
CA ILE C 192 1.05 3.50 -19.17
C ILE C 192 -0.08 2.52 -18.88
N VAL C 193 -1.14 2.99 -18.21
CA VAL C 193 -2.22 2.11 -17.81
C VAL C 193 -3.52 2.91 -17.67
N SER C 194 -4.64 2.27 -17.98
CA SER C 194 -5.96 2.87 -17.84
C SER C 194 -6.71 2.14 -16.73
N LEU C 195 -7.02 2.86 -15.65
CA LEU C 195 -7.73 2.31 -14.52
C LEU C 195 -9.17 2.81 -14.45
N LYS C 196 -10.10 1.91 -14.17
CA LYS C 196 -11.51 2.30 -14.09
C LYS C 196 -11.77 2.93 -12.74
N ILE C 197 -12.58 3.99 -12.73
CA ILE C 197 -12.77 4.78 -11.51
C ILE C 197 -13.51 3.96 -10.47
N ASP C 198 -14.57 3.26 -10.87
CA ASP C 198 -15.32 2.41 -9.94
C ASP C 198 -14.42 1.35 -9.33
N TRP C 199 -13.54 0.77 -10.14
CA TRP C 199 -12.63 -0.24 -9.62
C TRP C 199 -11.60 0.35 -8.66
N ILE C 200 -11.12 1.57 -8.94
CA ILE C 200 -10.27 2.27 -7.97
C ILE C 200 -11.00 2.45 -6.65
N ILE C 201 -12.27 2.85 -6.72
CA ILE C 201 -13.03 3.16 -5.51
C ILE C 201 -13.29 1.89 -4.71
N GLU C 202 -13.54 0.78 -5.41
N GLU C 202 -13.55 0.77 -5.40
CA GLU C 202 -13.82 -0.49 -4.75
CA GLU C 202 -13.82 -0.47 -4.68
C GLU C 202 -12.55 -1.13 -4.19
C GLU C 202 -12.56 -1.21 -4.25
N ARG C 203 -11.42 -0.96 -4.88
CA ARG C 203 -10.18 -1.60 -4.46
C ARG C 203 -9.50 -0.82 -3.34
N TYR C 204 -9.45 0.50 -3.45
CA TYR C 204 -8.79 1.31 -2.43
C TYR C 204 -9.76 1.69 -1.33
N GLN C 205 -11.04 1.34 -1.49
N GLN C 205 -11.04 1.34 -1.46
CA GLN C 205 -12.08 1.61 -0.49
CA GLN C 205 -12.04 1.62 -0.43
C GLN C 205 -12.14 3.09 -0.15
C GLN C 205 -12.12 3.12 -0.14
N LEU C 206 -12.23 3.91 -1.21
CA LEU C 206 -12.30 5.35 -1.05
C LEU C 206 -13.60 5.73 -0.34
N PRO C 207 -13.61 6.81 0.41
CA PRO C 207 -14.83 7.18 1.15
C PRO C 207 -15.91 7.73 0.23
N GLN C 208 -17.14 7.72 0.75
CA GLN C 208 -18.32 7.81 -0.11
C GLN C 208 -18.39 9.13 -0.86
N SER C 209 -17.96 10.23 -0.23
CA SER C 209 -18.05 11.52 -0.91
C SER C 209 -17.16 11.62 -2.13
N TYR C 210 -16.24 10.67 -2.32
CA TYR C 210 -15.41 10.66 -3.51
C TYR C 210 -16.10 9.96 -4.68
N GLN C 211 -17.34 9.50 -4.49
CA GLN C 211 -18.22 9.14 -5.59
C GLN C 211 -18.70 10.35 -6.38
N ARG C 212 -18.53 11.55 -5.84
CA ARG C 212 -18.70 12.79 -6.58
C ARG C 212 -17.38 13.19 -7.25
N MET C 213 -17.38 13.22 -8.58
CA MET C 213 -16.14 13.38 -9.32
C MET C 213 -15.33 14.62 -8.97
N PRO C 214 -15.90 15.81 -8.74
CA PRO C 214 -15.04 16.96 -8.38
C PRO C 214 -14.32 16.80 -7.05
N ASP C 215 -14.92 16.12 -6.06
CA ASP C 215 -14.18 15.86 -4.83
C ASP C 215 -13.12 14.79 -5.06
N PHE C 216 -13.45 13.81 -5.89
CA PHE C 216 -12.48 12.80 -6.30
C PHE C 216 -11.25 13.46 -6.89
N ARG C 217 -11.47 14.39 -7.83
CA ARG C 217 -10.38 15.16 -8.42
C ARG C 217 -9.60 15.92 -7.36
N ARG C 218 -10.29 16.67 -6.50
CA ARG C 218 -9.60 17.66 -5.68
C ARG C 218 -8.85 17.03 -4.51
N ARG C 219 -9.46 16.05 -3.84
CA ARG C 219 -8.91 15.52 -2.59
C ARG C 219 -8.20 14.18 -2.73
N PHE C 220 -8.34 13.49 -3.86
CA PHE C 220 -7.63 12.23 -4.05
C PHE C 220 -6.67 12.27 -5.23
N LEU C 221 -7.18 12.48 -6.45
CA LEU C 221 -6.36 12.34 -7.64
C LEU C 221 -5.22 13.37 -7.64
N GLN C 222 -5.56 14.66 -7.57
CA GLN C 222 -4.53 15.68 -7.64
C GLN C 222 -3.54 15.56 -6.49
N VAL C 223 -4.03 15.25 -5.28
CA VAL C 223 -3.13 15.20 -4.13
C VAL C 223 -2.16 14.04 -4.27
N CYS C 224 -2.65 12.86 -4.69
CA CYS C 224 -1.79 11.69 -4.75
C CYS C 224 -0.82 11.75 -5.92
N VAL C 225 -1.24 12.36 -7.04
CA VAL C 225 -0.31 12.59 -8.15
C VAL C 225 0.77 13.58 -7.73
N ASN C 226 0.37 14.69 -7.10
CA ASN C 226 1.34 15.67 -6.63
C ASN C 226 2.31 15.04 -5.62
N GLU C 227 1.78 14.19 -4.73
CA GLU C 227 2.63 13.53 -3.75
C GLU C 227 3.65 12.62 -4.45
N ILE C 228 3.17 11.75 -5.34
CA ILE C 228 4.08 10.87 -6.07
C ILE C 228 5.16 11.67 -6.78
N ASN C 229 4.76 12.74 -7.48
CA ASN C 229 5.71 13.60 -8.19
C ASN C 229 6.68 14.32 -7.27
N SER C 230 6.33 14.50 -5.99
CA SER C 230 7.20 15.25 -5.10
C SER C 230 8.02 14.35 -4.18
N ARG C 231 7.62 13.08 -4.03
CA ARG C 231 8.13 12.20 -3.00
C ARG C 231 8.68 10.88 -3.52
N THR C 232 8.53 10.59 -4.81
CA THR C 232 9.07 9.34 -5.35
C THR C 232 10.04 9.69 -6.48
N PRO C 233 10.82 8.73 -6.99
CA PRO C 233 11.65 9.00 -8.17
C PRO C 233 10.88 8.89 -9.47
N MET C 234 9.56 8.84 -9.41
CA MET C 234 8.69 8.77 -10.56
C MET C 234 8.25 10.16 -11.00
N ARG C 235 7.86 10.25 -12.27
CA ARG C 235 7.31 11.46 -12.84
C ARG C 235 6.04 11.07 -13.56
N LEU C 236 4.91 11.57 -13.08
CA LEU C 236 3.61 11.00 -13.40
C LEU C 236 2.72 12.06 -14.05
N SER C 237 2.01 11.66 -15.09
CA SER C 237 1.01 12.50 -15.73
C SER C 237 -0.23 11.65 -15.98
N TYR C 238 -1.33 12.31 -16.33
CA TYR C 238 -2.56 11.57 -16.57
C TYR C 238 -3.47 12.40 -17.46
N ILE C 239 -4.51 11.72 -17.96
CA ILE C 239 -5.58 12.33 -18.74
C ILE C 239 -6.83 11.51 -18.46
N GLU C 240 -7.98 12.15 -18.58
CA GLU C 240 -9.24 11.53 -18.19
C GLU C 240 -9.96 10.96 -19.40
N LYS C 241 -10.53 9.77 -19.24
CA LYS C 241 -11.33 9.14 -20.29
C LYS C 241 -12.79 9.28 -19.89
N LYS C 242 -13.61 9.72 -20.83
CA LYS C 242 -15.02 9.99 -20.58
C LYS C 242 -15.93 9.14 -21.45
N LYS C 243 -17.17 9.02 -20.98
CA LYS C 243 -18.29 8.39 -21.67
C LYS C 243 -19.52 9.23 -21.36
N GLY C 244 -19.97 9.98 -22.36
CA GLY C 244 -21.01 10.97 -22.16
C GLY C 244 -20.49 12.07 -21.28
N ARG C 245 -21.28 12.41 -20.26
CA ARG C 245 -20.84 13.39 -19.27
C ARG C 245 -20.02 12.76 -18.16
N GLN C 246 -20.07 11.44 -18.01
CA GLN C 246 -19.37 10.79 -16.90
C GLN C 246 -17.93 10.47 -17.29
N THR C 247 -17.02 10.66 -16.35
CA THR C 247 -15.64 10.24 -16.51
C THR C 247 -15.52 8.83 -15.95
N THR C 248 -15.01 7.91 -16.77
CA THR C 248 -15.04 6.48 -16.43
C THR C 248 -13.68 5.90 -16.10
N HIS C 249 -12.61 6.32 -16.78
CA HIS C 249 -11.29 5.79 -16.49
C HIS C 249 -10.31 6.95 -16.35
N ILE C 250 -9.16 6.65 -15.77
CA ILE C 250 -8.02 7.55 -15.73
C ILE C 250 -6.83 6.86 -16.37
N VAL C 251 -6.16 7.54 -17.28
CA VAL C 251 -5.04 6.99 -18.03
C VAL C 251 -3.77 7.62 -17.50
N PHE C 252 -2.90 6.79 -16.91
CA PHE C 252 -1.67 7.24 -16.28
C PHE C 252 -0.51 6.91 -17.20
N SER C 253 0.35 7.89 -17.45
CA SER C 253 1.64 7.67 -18.07
C SER C 253 2.74 8.12 -17.14
N PHE C 254 3.86 7.41 -17.14
CA PHE C 254 4.96 7.78 -16.27
C PHE C 254 6.28 7.32 -16.86
N ARG C 255 7.35 8.00 -16.44
CA ARG C 255 8.71 7.63 -16.78
C ARG C 255 9.54 7.78 -15.51
N ASP C 256 10.80 7.35 -15.56
CA ASP C 256 11.68 7.44 -14.41
C ASP C 256 12.72 8.54 -14.60
N ILE C 257 13.04 9.23 -13.51
CA ILE C 257 14.02 10.30 -13.54
C ILE C 257 15.43 9.71 -13.42
#